data_9EZZ
#
_entry.id   9EZZ
#
_cell.length_a   32.316
_cell.length_b   34.223
_cell.length_c   151.827
_cell.angle_alpha   90.00
_cell.angle_beta   90.00
_cell.angle_gamma   90.00
#
_symmetry.space_group_name_H-M   'P 21 21 21'
#
loop_
_entity.id
_entity.type
_entity.pdbx_description
1 polymer 'Transcription factor CBF/NF-Y/archaeal histone domain-containing protein'
2 polymer "DNA (5'-D(P*GP*GP*GP*CP*T)-3')"
3 polymer "DNA (5'-D(P*AP*GP*CP*CP*C)-3')"
4 non-polymer 'PHOSPHATE ION'
5 water water
#
loop_
_entity_poly.entity_id
_entity_poly.type
_entity_poly.pdbx_seq_one_letter_code
_entity_poly.pdbx_strand_id
1 'polypeptide(L)' GHMAEVLVVTSKVKKLIKEKGQMNTSAETIDVLSKAIEQLCLKGVESAKADGRKTVMARDIVIDHL A,B
2 'polydeoxyribonucleotide'
;(DC)(DG)(DG)(DG)(DC)(DT)(DT)(DT)(DA)(DA)(DC)(DG)(DG)(DG)(DG)(DC)(DT)(DT)(DT)(DA)
(DA)
;
C
3 'polydeoxyribonucleotide' (DT)(DT)(DA)(DA)(DA)(DG)(DC)(DC)(DC)(DG)(DT)(DT)(DA)(DA)(DA)(DG)(DC)(DC)(DC)(DG) D
#
loop_
_chem_comp.id
_chem_comp.type
_chem_comp.name
_chem_comp.formula
DA DNA linking 2'-DEOXYADENOSINE-5'-MONOPHOSPHATE 'C10 H14 N5 O6 P'
DC DNA linking 2'-DEOXYCYTIDINE-5'-MONOPHOSPHATE 'C9 H14 N3 O7 P'
DG DNA linking 2'-DEOXYGUANOSINE-5'-MONOPHOSPHATE 'C10 H14 N5 O7 P'
DT DNA linking THYMIDINE-5'-MONOPHOSPHATE 'C10 H15 N2 O8 P'
PO4 non-polymer 'PHOSPHATE ION' 'O4 P -3'
#
# COMPACT_ATOMS: atom_id res chain seq x y z
N GLU A 5 0.53 -8.87 10.05
CA GLU A 5 1.75 -8.11 9.65
C GLU A 5 1.65 -7.74 8.17
N VAL A 6 1.46 -8.72 7.28
CA VAL A 6 1.45 -8.51 5.79
C VAL A 6 0.12 -7.88 5.38
N LEU A 7 0.14 -6.66 4.82
CA LEU A 7 -1.10 -5.92 4.42
C LEU A 7 -1.28 -5.88 2.90
N VAL A 8 -0.35 -6.42 2.12
CA VAL A 8 -0.45 -6.50 0.64
C VAL A 8 -0.68 -7.97 0.25
N VAL A 9 -1.37 -8.19 -0.88
CA VAL A 9 -1.64 -9.52 -1.45
C VAL A 9 -0.38 -9.92 -2.23
N THR A 10 0.49 -10.71 -1.59
CA THR A 10 1.86 -11.01 -2.08
C THR A 10 1.81 -11.54 -3.51
N SER A 11 0.95 -12.51 -3.81
CA SER A 11 0.85 -13.16 -5.15
C SER A 11 0.53 -12.12 -6.22
N LYS A 12 -0.35 -11.16 -5.93
CA LYS A 12 -0.80 -10.15 -6.92
C LYS A 12 0.31 -9.11 -7.14
N VAL A 13 1.04 -8.74 -6.08
CA VAL A 13 2.20 -7.80 -6.16
C VAL A 13 3.30 -8.44 -7.02
N LYS A 14 3.61 -9.71 -6.78
CA LYS A 14 4.66 -10.43 -7.53
C LYS A 14 4.23 -10.56 -9.00
N LYS A 15 2.93 -10.77 -9.26
CA LYS A 15 2.39 -10.91 -10.64
C LYS A 15 2.52 -9.59 -11.39
N LEU A 16 2.17 -8.48 -10.73
CA LEU A 16 2.27 -7.10 -11.28
C LEU A 16 3.72 -6.81 -11.68
N ILE A 17 4.65 -7.04 -10.77
CA ILE A 17 6.09 -6.73 -10.98
C ILE A 17 6.68 -7.67 -12.05
N LYS A 18 6.24 -8.94 -12.07
CA LYS A 18 6.67 -9.93 -13.11
C LYS A 18 6.10 -9.50 -14.46
N GLU A 19 4.81 -9.19 -14.52
CA GLU A 19 4.10 -8.90 -15.80
C GLU A 19 4.52 -7.52 -16.31
N LYS A 20 4.62 -6.51 -15.45
CA LYS A 20 4.90 -5.10 -15.89
C LYS A 20 6.41 -4.87 -16.00
N GLY A 21 7.25 -5.63 -15.29
CA GLY A 21 8.69 -5.34 -15.20
C GLY A 21 9.60 -6.46 -15.68
N GLN A 22 9.07 -7.68 -15.87
CA GLN A 22 9.85 -8.92 -16.07
C GLN A 22 10.89 -9.04 -14.95
N MET A 23 10.48 -8.79 -13.72
CA MET A 23 11.38 -8.80 -12.53
C MET A 23 10.81 -9.70 -11.44
N ASN A 24 11.71 -10.21 -10.60
CA ASN A 24 11.37 -10.87 -9.32
C ASN A 24 11.11 -9.80 -8.26
N THR A 25 10.54 -10.21 -7.14
CA THR A 25 10.26 -9.35 -5.97
C THR A 25 10.92 -9.97 -4.75
N SER A 26 11.74 -9.19 -4.03
CA SER A 26 12.41 -9.63 -2.78
C SER A 26 11.37 -9.74 -1.66
N ALA A 27 11.61 -10.58 -0.67
CA ALA A 27 10.73 -10.74 0.51
C ALA A 27 10.67 -9.41 1.27
N GLU A 28 11.79 -8.69 1.34
CA GLU A 28 11.91 -7.42 2.09
C GLU A 28 11.07 -6.35 1.39
N THR A 29 10.93 -6.40 0.07
CA THR A 29 10.07 -5.49 -0.73
C THR A 29 8.64 -5.60 -0.22
N ILE A 30 8.13 -6.82 0.00
CA ILE A 30 6.76 -7.05 0.51
C ILE A 30 6.60 -6.39 1.88
N ASP A 31 7.59 -6.54 2.78
CA ASP A 31 7.59 -5.91 4.12
C ASP A 31 7.55 -4.38 4.00
N VAL A 32 8.36 -3.78 3.13
CA VAL A 32 8.40 -2.30 2.97
C VAL A 32 7.04 -1.83 2.45
N LEU A 33 6.44 -2.52 1.47
CA LEU A 33 5.11 -2.16 0.93
C LEU A 33 4.06 -2.23 2.05
N SER A 34 4.15 -3.24 2.92
CA SER A 34 3.22 -3.41 4.06
CA SER A 34 3.22 -3.42 4.07
C SER A 34 3.40 -2.27 5.07
N LYS A 35 4.64 -1.85 5.33
CA LYS A 35 4.92 -0.68 6.21
C LYS A 35 4.32 0.58 5.59
N ALA A 36 4.41 0.73 4.26
CA ALA A 36 3.86 1.88 3.52
C ALA A 36 2.35 1.93 3.75
N ILE A 37 1.68 0.80 3.60
CA ILE A 37 0.20 0.71 3.80
C ILE A 37 -0.14 1.09 5.25
N GLU A 38 0.56 0.51 6.22
CA GLU A 38 0.30 0.81 7.65
C GLU A 38 0.39 2.33 7.86
N GLN A 39 1.46 2.97 7.37
CA GLN A 39 1.68 4.42 7.58
CA GLN A 39 1.70 4.42 7.54
C GLN A 39 0.54 5.21 6.92
N LEU A 40 0.12 4.83 5.71
CA LEU A 40 -0.97 5.52 4.98
C LEU A 40 -2.28 5.40 5.78
N CYS A 41 -2.58 4.21 6.31
CA CYS A 41 -3.82 3.96 7.09
C CYS A 41 -3.83 4.78 8.38
N LEU A 42 -2.69 4.87 9.07
CA LEU A 42 -2.58 5.59 10.36
C LEU A 42 -2.69 7.10 10.09
N LYS A 43 -2.07 7.61 9.02
CA LYS A 43 -2.25 9.04 8.62
C LYS A 43 -3.73 9.25 8.27
N GLY A 44 -4.36 8.27 7.65
CA GLY A 44 -5.79 8.28 7.31
C GLY A 44 -6.66 8.44 8.55
N VAL A 45 -6.40 7.64 9.58
CA VAL A 45 -7.10 7.74 10.90
C VAL A 45 -6.97 9.17 11.43
N GLU A 46 -5.77 9.77 11.38
CA GLU A 46 -5.50 11.13 11.93
C GLU A 46 -6.41 12.14 11.23
N SER A 47 -6.42 12.13 9.88
CA SER A 47 -7.22 13.05 9.05
C SER A 47 -8.70 12.90 9.39
N ALA A 48 -9.18 11.66 9.43
CA ALA A 48 -10.62 11.36 9.64
C ALA A 48 -11.04 11.84 11.02
N LYS A 49 -10.23 11.53 12.04
CA LYS A 49 -10.49 11.92 13.44
C LYS A 49 -10.48 13.45 13.55
N ALA A 50 -9.51 14.12 12.91
CA ALA A 50 -9.38 15.59 12.94
C ALA A 50 -10.65 16.22 12.34
N ASP A 51 -11.27 15.54 11.36
CA ASP A 51 -12.50 15.99 10.66
C ASP A 51 -13.75 15.56 11.42
N GLY A 52 -13.61 14.91 12.57
CA GLY A 52 -14.73 14.46 13.43
C GLY A 52 -15.52 13.32 12.81
N ARG A 53 -14.91 12.47 11.98
CA ARG A 53 -15.62 11.35 11.28
C ARG A 53 -15.29 10.01 11.93
N LYS A 54 -16.12 8.99 11.65
CA LYS A 54 -16.02 7.60 12.17
C LYS A 54 -15.62 6.65 11.03
N THR A 55 -15.31 7.19 9.85
CA THR A 55 -14.87 6.43 8.65
C THR A 55 -13.63 7.07 8.06
N VAL A 56 -12.61 6.26 7.77
CA VAL A 56 -11.46 6.66 6.93
C VAL A 56 -11.94 6.60 5.48
N MET A 57 -11.89 7.73 4.79
N MET A 57 -11.90 7.72 4.79
CA MET A 57 -12.37 7.86 3.39
CA MET A 57 -12.39 7.88 3.40
C MET A 57 -11.17 8.05 2.47
C MET A 57 -11.18 8.07 2.47
N ALA A 58 -11.39 8.01 1.16
CA ALA A 58 -10.31 8.11 0.16
C ALA A 58 -9.55 9.41 0.36
N ARG A 59 -10.22 10.52 0.70
CA ARG A 59 -9.55 11.84 0.80
C ARG A 59 -8.63 11.87 2.03
N ASP A 60 -8.76 10.91 2.94
CA ASP A 60 -7.86 10.80 4.13
C ASP A 60 -6.54 10.13 3.74
N ILE A 61 -6.46 9.49 2.55
CA ILE A 61 -5.25 8.74 2.11
C ILE A 61 -4.50 9.64 1.13
N VAL A 62 -3.45 10.29 1.61
CA VAL A 62 -2.71 11.33 0.83
C VAL A 62 -1.47 10.67 0.22
N ILE A 63 -1.39 10.67 -1.11
CA ILE A 63 -0.48 9.80 -1.91
C ILE A 63 0.16 10.58 -3.05
N ASP A 64 -0.15 11.87 -3.19
CA ASP A 64 0.27 12.70 -4.35
C ASP A 64 1.80 12.90 -4.34
N HIS A 65 2.47 12.57 -3.23
CA HIS A 65 3.95 12.69 -3.05
C HIS A 65 4.67 11.46 -3.61
N MET B 3 -12.23 -8.81 -6.69
CA MET B 3 -11.67 -8.10 -7.89
C MET B 3 -10.16 -8.37 -7.97
N ALA B 4 -9.67 -8.66 -9.19
CA ALA B 4 -8.24 -8.94 -9.50
C ALA B 4 -7.38 -7.66 -9.35
N GLU B 5 -8.00 -6.52 -9.04
CA GLU B 5 -7.37 -5.17 -9.03
C GLU B 5 -6.92 -4.82 -7.60
N VAL B 6 -7.50 -5.49 -6.58
CA VAL B 6 -7.24 -5.20 -5.15
C VAL B 6 -5.87 -5.78 -4.77
N LEU B 7 -4.92 -4.93 -4.35
CA LEU B 7 -3.53 -5.34 -4.00
C LEU B 7 -3.29 -5.31 -2.49
N VAL B 8 -4.26 -4.87 -1.68
CA VAL B 8 -4.14 -4.86 -0.19
C VAL B 8 -5.08 -5.92 0.36
N VAL B 9 -4.75 -6.43 1.55
CA VAL B 9 -5.54 -7.46 2.27
C VAL B 9 -6.65 -6.70 2.99
N THR B 10 -7.84 -6.66 2.41
CA THR B 10 -8.97 -5.80 2.87
C THR B 10 -9.22 -6.02 4.36
N SER B 11 -9.37 -7.28 4.79
CA SER B 11 -9.73 -7.64 6.18
C SER B 11 -8.68 -7.10 7.15
N LYS B 12 -7.39 -7.16 6.79
CA LYS B 12 -6.28 -6.76 7.70
C LYS B 12 -6.22 -5.24 7.79
N VAL B 13 -6.46 -4.55 6.67
CA VAL B 13 -6.50 -3.05 6.62
C VAL B 13 -7.65 -2.55 7.49
N LYS B 14 -8.83 -3.16 7.35
CA LYS B 14 -10.03 -2.76 8.12
C LYS B 14 -9.78 -3.04 9.61
N LYS B 15 -9.09 -4.13 9.94
CA LYS B 15 -8.82 -4.53 11.35
C LYS B 15 -7.84 -3.53 11.98
N LEU B 16 -6.80 -3.14 11.24
CA LEU B 16 -5.80 -2.15 11.71
C LEU B 16 -6.49 -0.82 12.03
N ILE B 17 -7.32 -0.34 11.10
CA ILE B 17 -8.02 0.97 11.22
C ILE B 17 -9.06 0.89 12.34
N LYS B 18 -9.74 -0.25 12.50
CA LYS B 18 -10.72 -0.48 13.59
C LYS B 18 -9.98 -0.54 14.92
N GLU B 19 -8.90 -1.31 15.00
CA GLU B 19 -8.15 -1.56 16.26
C GLU B 19 -7.40 -0.29 16.66
N LYS B 20 -6.74 0.40 15.73
CA LYS B 20 -5.86 1.55 16.05
C LYS B 20 -6.68 2.86 16.10
N GLY B 21 -7.82 2.93 15.42
CA GLY B 21 -8.57 4.20 15.28
C GLY B 21 -10.00 4.16 15.80
N GLN B 22 -10.54 2.98 16.10
CA GLN B 22 -12.00 2.76 16.33
C GLN B 22 -12.79 3.39 15.17
N MET B 23 -12.33 3.18 13.94
CA MET B 23 -12.95 3.78 12.73
CA MET B 23 -12.93 3.78 12.72
C MET B 23 -13.31 2.66 11.74
N ASN B 24 -14.34 2.91 10.94
CA ASN B 24 -14.67 2.07 9.76
C ASN B 24 -13.78 2.51 8.61
N THR B 25 -13.76 1.70 7.54
CA THR B 25 -12.97 1.97 6.31
C THR B 25 -13.94 1.96 5.14
N SER B 26 -13.95 3.02 4.34
CA SER B 26 -14.76 3.12 3.11
C SER B 26 -14.19 2.18 2.03
N ALA B 27 -15.04 1.74 1.09
CA ALA B 27 -14.63 0.96 -0.10
C ALA B 27 -13.58 1.72 -0.90
N GLU B 28 -13.73 3.05 -1.02
CA GLU B 28 -12.86 3.89 -1.86
C GLU B 28 -11.46 3.95 -1.26
N THR B 29 -11.35 3.89 0.08
CA THR B 29 -10.05 3.86 0.80
C THR B 29 -9.24 2.66 0.32
N ILE B 30 -9.87 1.49 0.19
CA ILE B 30 -9.18 0.25 -0.25
C ILE B 30 -8.64 0.46 -1.67
N ASP B 31 -9.44 1.06 -2.56
CA ASP B 31 -9.05 1.36 -3.97
C ASP B 31 -7.84 2.31 -4.00
N VAL B 32 -7.86 3.38 -3.19
CA VAL B 32 -6.71 4.34 -3.17
C VAL B 32 -5.46 3.61 -2.69
N LEU B 33 -5.56 2.79 -1.64
CA LEU B 33 -4.39 2.05 -1.09
C LEU B 33 -3.83 1.12 -2.17
N SER B 34 -4.70 0.50 -2.98
CA SER B 34 -4.29 -0.42 -4.07
C SER B 34 -3.56 0.38 -5.16
N LYS B 35 -4.05 1.58 -5.49
CA LYS B 35 -3.38 2.49 -6.47
C LYS B 35 -1.99 2.88 -5.92
N ALA B 36 -1.89 3.12 -4.62
CA ALA B 36 -0.62 3.47 -3.94
C ALA B 36 0.39 2.35 -4.15
N ILE B 37 -0.03 1.10 -3.93
CA ILE B 37 0.83 -0.10 -4.12
C ILE B 37 1.29 -0.15 -5.58
N GLU B 38 0.37 -0.03 -6.52
CA GLU B 38 0.71 -0.12 -7.96
C GLU B 38 1.81 0.89 -8.26
N GLN B 39 1.62 2.14 -7.82
CA GLN B 39 2.58 3.23 -8.13
C GLN B 39 3.94 2.93 -7.50
N LEU B 40 3.96 2.44 -6.26
CA LEU B 40 5.22 2.10 -5.54
C LEU B 40 5.95 0.98 -6.29
N CYS B 41 5.24 -0.04 -6.78
CA CYS B 41 5.84 -1.18 -7.53
C CYS B 41 6.45 -0.70 -8.84
N LEU B 42 5.76 0.18 -9.56
CA LEU B 42 6.23 0.72 -10.86
C LEU B 42 7.47 1.61 -10.64
N LYS B 43 7.48 2.44 -9.60
CA LYS B 43 8.69 3.22 -9.23
C LYS B 43 9.82 2.25 -8.88
N GLY B 44 9.48 1.15 -8.19
CA GLY B 44 10.44 0.11 -7.79
C GLY B 44 11.09 -0.53 -9.00
N VAL B 45 10.30 -0.91 -10.00
CA VAL B 45 10.81 -1.47 -11.29
C VAL B 45 11.81 -0.47 -11.90
N GLU B 46 11.50 0.82 -11.92
CA GLU B 46 12.36 1.82 -12.60
C GLU B 46 13.70 1.91 -11.88
N SER B 47 13.72 1.94 -10.55
CA SER B 47 14.95 2.00 -9.73
C SER B 47 15.82 0.77 -10.02
N ALA B 48 15.20 -0.41 -9.97
CA ALA B 48 15.91 -1.70 -10.14
C ALA B 48 16.49 -1.76 -11.56
N LYS B 49 15.69 -1.39 -12.57
CA LYS B 49 16.10 -1.41 -14.00
C LYS B 49 17.25 -0.42 -14.20
N ALA B 50 17.17 0.78 -13.61
CA ALA B 50 18.22 1.82 -13.70
C ALA B 50 19.53 1.27 -13.11
N ASP B 51 19.44 0.41 -12.10
CA ASP B 51 20.59 -0.25 -11.42
C ASP B 51 21.06 -1.49 -12.21
N GLY B 52 20.40 -1.85 -13.31
CA GLY B 52 20.70 -3.06 -14.09
C GLY B 52 20.42 -4.36 -13.34
N ARG B 53 19.42 -4.38 -12.43
CA ARG B 53 19.02 -5.58 -11.67
C ARG B 53 17.75 -6.19 -12.24
N LYS B 54 17.46 -7.45 -11.85
CA LYS B 54 16.28 -8.25 -12.28
C LYS B 54 15.30 -8.43 -11.10
N THR B 55 15.57 -7.77 -9.97
CA THR B 55 14.85 -7.98 -8.68
C THR B 55 14.51 -6.63 -8.06
N VAL B 56 13.24 -6.40 -7.75
CA VAL B 56 12.81 -5.20 -6.99
C VAL B 56 13.09 -5.48 -5.52
N MET B 57 13.97 -4.71 -4.92
CA MET B 57 14.45 -4.89 -3.53
C MET B 57 13.90 -3.76 -2.67
N ALA B 58 14.06 -3.85 -1.35
CA ALA B 58 13.50 -2.89 -0.38
C ALA B 58 13.94 -1.47 -0.75
N ARG B 59 15.21 -1.29 -1.13
CA ARG B 59 15.79 0.06 -1.37
C ARG B 59 15.23 0.64 -2.67
N ASP B 60 14.52 -0.15 -3.48
CA ASP B 60 13.83 0.36 -4.70
C ASP B 60 12.50 1.02 -4.31
N ILE B 61 11.99 0.80 -3.10
CA ILE B 61 10.67 1.32 -2.65
C ILE B 61 10.94 2.52 -1.73
N VAL B 62 10.93 3.72 -2.30
CA VAL B 62 11.17 4.99 -1.56
C VAL B 62 9.81 5.67 -1.36
N ILE B 63 9.43 5.91 -0.11
CA ILE B 63 8.23 6.73 0.26
C ILE B 63 8.71 8.15 0.59
N ASP B 64 8.34 9.15 -0.24
CA ASP B 64 8.61 10.59 0.00
C ASP B 64 7.60 11.12 1.02
P PO4 E . -18.34 13.79 4.46
O1 PO4 E . -18.64 12.43 5.09
O2 PO4 E . -17.54 13.60 3.18
O3 PO4 E . -17.52 14.63 5.44
O4 PO4 E . -19.64 14.51 4.16
P PO4 F . -14.96 -2.97 1.13
O1 PO4 F . -14.76 -4.34 1.76
O2 PO4 F . -16.04 -3.05 0.07
O3 PO4 F . -13.66 -2.50 0.50
O4 PO4 F . -15.39 -1.98 2.21
#